data_2L0M
#
_entry.id   2L0M
#
_entity_poly.entity_id   1
_entity_poly.type   'polypeptide(L)'
_entity_poly.pdbx_seq_one_letter_code
;KKLSIYERVALFGVLGAALIGAIAPKK
;
_entity_poly.pdbx_strand_id   A
#
# COMPACT_ATOMS: atom_id res chain seq x y z
N LYS A 1 11.70 -18.63 6.41
CA LYS A 1 10.52 -17.98 6.94
C LYS A 1 10.41 -16.54 6.44
N LYS A 2 9.19 -16.06 6.28
CA LYS A 2 8.94 -14.70 5.82
C LYS A 2 7.46 -14.34 5.91
N LEU A 3 7.18 -13.06 6.06
CA LEU A 3 5.81 -12.58 6.16
C LEU A 3 5.76 -11.06 6.31
N SER A 4 6.10 -10.58 7.49
CA SER A 4 6.10 -9.15 7.77
C SER A 4 6.94 -8.40 6.75
N ILE A 5 8.01 -9.04 6.29
CA ILE A 5 8.89 -8.43 5.30
C ILE A 5 8.16 -8.18 3.99
N TYR A 6 7.13 -8.98 3.72
CA TYR A 6 6.36 -8.84 2.50
C TYR A 6 4.95 -8.37 2.81
N GLU A 7 4.70 -8.01 4.07
CA GLU A 7 3.39 -7.56 4.49
C GLU A 7 3.44 -6.08 4.90
N ARG A 8 4.53 -5.69 5.55
CA ARG A 8 4.70 -4.32 5.99
C ARG A 8 5.33 -3.46 4.90
N VAL A 9 5.87 -4.12 3.88
CA VAL A 9 6.50 -3.42 2.76
C VAL A 9 5.71 -3.63 1.48
N ALA A 10 5.28 -4.85 1.23
CA ALA A 10 4.52 -5.18 0.04
C ALA A 10 3.02 -5.12 0.31
N LEU A 11 2.59 -4.06 0.99
CA LEU A 11 1.17 -3.88 1.31
C LEU A 11 0.95 -2.58 2.07
N PHE A 12 1.94 -2.19 2.87
CA PHE A 12 1.86 -0.96 3.65
C PHE A 12 2.38 0.23 2.86
N GLY A 13 3.04 -0.06 1.73
CA GLY A 13 3.57 0.99 0.90
C GLY A 13 3.30 0.78 -0.57
N VAL A 14 2.55 -0.28 -0.87
CA VAL A 14 2.22 -0.61 -2.26
C VAL A 14 0.80 -0.17 -2.60
N LEU A 15 -0.05 -0.07 -1.57
CA LEU A 15 -1.43 0.35 -1.77
C LEU A 15 -1.54 1.87 -1.86
N GLY A 16 -0.40 2.55 -1.77
CA GLY A 16 -0.39 4.00 -1.85
C GLY A 16 -1.06 4.51 -3.11
N ALA A 17 -1.16 3.65 -4.12
CA ALA A 17 -1.79 4.03 -5.38
C ALA A 17 -3.16 3.38 -5.52
N ALA A 18 -3.44 2.41 -4.65
CA ALA A 18 -4.72 1.71 -4.68
C ALA A 18 -5.77 2.45 -3.86
N LEU A 19 -5.38 2.91 -2.67
CA LEU A 19 -6.28 3.62 -1.79
C LEU A 19 -6.34 5.10 -2.16
N ILE A 20 -5.29 5.58 -2.82
CA ILE A 20 -5.23 6.98 -3.23
C ILE A 20 -5.61 7.13 -4.71
N GLY A 21 -5.53 6.04 -5.45
CA GLY A 21 -5.85 6.08 -6.86
C GLY A 21 -7.32 5.76 -7.13
N ALA A 22 -8.13 5.87 -6.09
CA ALA A 22 -9.56 5.60 -6.22
C ALA A 22 -10.39 6.77 -5.70
N ILE A 23 -10.44 6.92 -4.38
CA ILE A 23 -11.20 7.99 -3.76
C ILE A 23 -10.74 9.35 -4.27
N ALA A 24 -9.48 9.43 -4.65
CA ALA A 24 -8.90 10.68 -5.16
C ALA A 24 -8.99 11.78 -4.11
N PRO A 25 -8.14 11.69 -3.08
CA PRO A 25 -8.11 12.68 -2.00
C PRO A 25 -7.56 14.03 -2.47
N LYS A 26 -6.62 14.00 -3.40
CA LYS A 26 -6.01 15.21 -3.93
C LYS A 26 -5.42 14.97 -5.31
N LYS A 27 -5.93 13.95 -5.99
CA LYS A 27 -5.45 13.61 -7.32
C LYS A 27 -6.34 14.23 -8.40
N LYS A 1 10.31 -19.09 7.66
CA LYS A 1 9.60 -18.05 8.39
C LYS A 1 9.68 -16.71 7.66
N LYS A 2 8.54 -16.27 7.12
CA LYS A 2 8.48 -15.01 6.40
C LYS A 2 7.04 -14.60 6.14
N LEU A 3 6.77 -13.29 6.19
CA LEU A 3 5.43 -12.78 5.97
C LEU A 3 5.41 -11.26 6.06
N SER A 4 5.74 -10.74 7.25
CA SER A 4 5.76 -9.30 7.47
C SER A 4 6.64 -8.60 6.44
N ILE A 5 7.70 -9.27 6.02
CA ILE A 5 8.61 -8.72 5.03
C ILE A 5 7.90 -8.42 3.72
N TYR A 6 6.83 -9.17 3.46
CA TYR A 6 6.06 -8.98 2.23
C TYR A 6 4.65 -8.46 2.55
N GLU A 7 4.45 -8.07 3.80
CA GLU A 7 3.16 -7.56 4.24
C GLU A 7 3.26 -6.09 4.62
N ARG A 8 4.34 -5.73 5.29
CA ARG A 8 4.57 -4.35 5.71
C ARG A 8 5.24 -3.55 4.61
N VAL A 9 5.79 -4.24 3.62
CA VAL A 9 6.47 -3.59 2.50
C VAL A 9 5.71 -3.80 1.20
N ALA A 10 5.23 -5.02 1.00
CA ALA A 10 4.48 -5.35 -0.21
C ALA A 10 2.98 -5.27 0.03
N LEU A 11 2.56 -4.22 0.71
CA LEU A 11 1.14 -4.03 1.01
C LEU A 11 0.92 -2.73 1.77
N PHE A 12 1.89 -2.36 2.60
CA PHE A 12 1.81 -1.14 3.39
C PHE A 12 2.36 0.05 2.61
N GLY A 13 3.04 -0.23 1.50
CA GLY A 13 3.61 0.82 0.68
C GLY A 13 3.35 0.61 -0.79
N VAL A 14 2.59 -0.43 -1.11
CA VAL A 14 2.28 -0.74 -2.51
C VAL A 14 0.87 -0.28 -2.87
N LEU A 15 0.01 -0.17 -1.86
CA LEU A 15 -1.36 0.25 -2.08
C LEU A 15 -1.45 1.77 -2.17
N GLY A 16 -0.30 2.44 -2.04
CA GLY A 16 -0.27 3.89 -2.10
C GLY A 16 -0.92 4.42 -3.37
N ALA A 17 -1.01 3.57 -4.38
CA ALA A 17 -1.62 3.97 -5.65
C ALA A 17 -2.99 3.33 -5.84
N ALA A 18 -3.31 2.37 -4.97
CA ALA A 18 -4.59 1.68 -5.04
C ALA A 18 -5.65 2.41 -4.22
N LEU A 19 -5.27 2.87 -3.03
CA LEU A 19 -6.18 3.59 -2.16
C LEU A 19 -6.21 5.07 -2.50
N ILE A 20 -5.15 5.54 -3.15
CA ILE A 20 -5.06 6.94 -3.54
C ILE A 20 -5.39 7.13 -5.01
N GLY A 21 -5.29 6.04 -5.78
CA GLY A 21 -5.59 6.10 -7.20
C GLY A 21 -7.04 5.79 -7.50
N ALA A 22 -7.89 5.89 -6.48
CA ALA A 22 -9.31 5.62 -6.66
C ALA A 22 -10.15 6.60 -5.84
N ILE A 23 -10.05 6.51 -4.52
CA ILE A 23 -10.80 7.39 -3.64
C ILE A 23 -10.51 8.85 -3.93
N ALA A 24 -9.25 9.14 -4.25
CA ALA A 24 -8.84 10.51 -4.55
C ALA A 24 -9.10 11.44 -3.38
N PRO A 25 -8.30 11.28 -2.31
CA PRO A 25 -8.43 12.10 -1.10
C PRO A 25 -7.99 13.55 -1.33
N LYS A 26 -7.08 13.74 -2.28
CA LYS A 26 -6.59 15.07 -2.60
C LYS A 26 -6.02 15.11 -4.01
N LYS A 27 -6.49 14.20 -4.86
CA LYS A 27 -6.04 14.13 -6.24
C LYS A 27 -7.02 14.87 -7.16
N LYS A 1 8.53 -18.10 8.89
CA LYS A 1 9.75 -17.73 8.19
C LYS A 1 9.68 -16.29 7.70
N LYS A 2 8.58 -15.96 7.01
CA LYS A 2 8.39 -14.61 6.50
C LYS A 2 6.93 -14.17 6.66
N LEU A 3 6.74 -12.86 6.73
CA LEU A 3 5.39 -12.30 6.89
C LEU A 3 5.44 -10.78 6.91
N SER A 4 5.89 -10.22 8.03
CA SER A 4 5.98 -8.78 8.19
C SER A 4 6.78 -8.16 7.04
N ILE A 5 7.77 -8.89 6.56
CA ILE A 5 8.61 -8.41 5.47
C ILE A 5 7.79 -8.21 4.19
N TYR A 6 6.71 -8.97 4.07
CA TYR A 6 5.84 -8.88 2.90
C TYR A 6 4.47 -8.34 3.29
N GLU A 7 4.36 -7.84 4.51
CA GLU A 7 3.10 -7.28 5.00
C GLU A 7 3.24 -5.80 5.31
N ARG A 8 4.39 -5.42 5.87
CA ARG A 8 4.65 -4.03 6.20
C ARG A 8 5.24 -3.28 5.02
N VAL A 9 5.69 -4.03 4.01
CA VAL A 9 6.28 -3.43 2.82
C VAL A 9 5.40 -3.67 1.59
N ALA A 10 4.90 -4.89 1.46
CA ALA A 10 4.04 -5.24 0.34
C ALA A 10 2.56 -5.09 0.70
N LEU A 11 2.24 -3.96 1.32
CA LEU A 11 0.86 -3.68 1.72
C LEU A 11 0.76 -2.32 2.41
N PHE A 12 1.81 -1.94 3.12
CA PHE A 12 1.85 -0.67 3.83
C PHE A 12 2.39 0.44 2.93
N GLY A 13 2.96 0.04 1.79
CA GLY A 13 3.51 1.01 0.87
C GLY A 13 3.14 0.71 -0.58
N VAL A 14 2.30 -0.30 -0.77
CA VAL A 14 1.88 -0.69 -2.11
C VAL A 14 0.47 -0.19 -2.39
N LEU A 15 -0.31 0.01 -1.34
CA LEU A 15 -1.68 0.48 -1.48
C LEU A 15 -1.72 2.00 -1.67
N GLY A 16 -0.54 2.61 -1.68
CA GLY A 16 -0.46 4.05 -1.85
C GLY A 16 -1.16 4.52 -3.12
N ALA A 17 -1.36 3.60 -4.05
CA ALA A 17 -2.02 3.93 -5.31
C ALA A 17 -3.36 3.21 -5.44
N ALA A 18 -3.69 2.41 -4.43
CA ALA A 18 -4.95 1.68 -4.42
C ALA A 18 -6.03 2.43 -3.65
N LEU A 19 -5.64 3.01 -2.52
CA LEU A 19 -6.57 3.76 -1.68
C LEU A 19 -6.49 5.26 -1.98
N ILE A 20 -5.35 5.68 -2.51
CA ILE A 20 -5.14 7.09 -2.84
C ILE A 20 -4.93 7.28 -4.35
N GLY A 21 -4.54 6.20 -5.02
CA GLY A 21 -4.31 6.26 -6.45
C GLY A 21 -5.55 5.90 -7.25
N ALA A 22 -6.71 5.97 -6.61
CA ALA A 22 -7.97 5.66 -7.26
C ALA A 22 -9.03 6.73 -6.99
N ILE A 23 -9.46 6.81 -5.74
CA ILE A 23 -10.46 7.79 -5.34
C ILE A 23 -10.05 9.20 -5.78
N ALA A 24 -8.76 9.44 -5.87
CA ALA A 24 -8.24 10.73 -6.28
C ALA A 24 -8.63 11.82 -5.28
N PRO A 25 -7.96 11.82 -4.12
CA PRO A 25 -8.22 12.80 -3.05
C PRO A 25 -7.76 14.20 -3.43
N LYS A 26 -6.57 14.29 -4.02
CA LYS A 26 -6.01 15.57 -4.44
C LYS A 26 -4.93 15.38 -5.50
N LYS A 27 -5.00 14.26 -6.22
CA LYS A 27 -4.04 13.95 -7.26
C LYS A 27 -4.71 13.24 -8.43
N LYS A 1 10.39 -18.61 5.97
CA LYS A 1 10.94 -17.74 7.00
C LYS A 1 10.70 -16.27 6.66
N LYS A 2 9.42 -15.90 6.53
CA LYS A 2 9.07 -14.53 6.21
C LYS A 2 7.55 -14.33 6.29
N LEU A 3 7.13 -13.07 6.44
CA LEU A 3 5.71 -12.76 6.52
C LEU A 3 5.50 -11.26 6.66
N SER A 4 5.78 -10.74 7.86
CA SER A 4 5.61 -9.32 8.14
C SER A 4 6.38 -8.48 7.11
N ILE A 5 7.52 -9.00 6.67
CA ILE A 5 8.34 -8.30 5.69
C ILE A 5 7.60 -8.13 4.37
N TYR A 6 6.67 -9.03 4.09
CA TYR A 6 5.89 -8.98 2.86
C TYR A 6 4.43 -8.67 3.16
N GLU A 7 4.15 -8.34 4.41
CA GLU A 7 2.78 -8.02 4.83
C GLU A 7 2.66 -6.55 5.23
N ARG A 8 3.69 -6.05 5.91
CA ARG A 8 3.70 -4.66 6.35
C ARG A 8 4.26 -3.74 5.27
N VAL A 9 4.88 -4.34 4.25
CA VAL A 9 5.45 -3.58 3.15
C VAL A 9 4.71 -3.86 1.84
N ALA A 10 4.43 -5.14 1.59
CA ALA A 10 3.72 -5.54 0.38
C ALA A 10 2.22 -5.58 0.61
N LEU A 11 1.70 -4.54 1.26
CA LEU A 11 0.27 -4.45 1.54
C LEU A 11 -0.06 -3.17 2.29
N PHE A 12 0.89 -2.72 3.12
CA PHE A 12 0.70 -1.49 3.90
C PHE A 12 1.25 -0.28 3.16
N GLY A 13 2.00 -0.55 2.09
CA GLY A 13 2.59 0.53 1.32
C GLY A 13 2.35 0.37 -0.17
N VAL A 14 1.66 -0.70 -0.55
CA VAL A 14 1.37 -0.97 -1.95
C VAL A 14 0.05 -0.34 -2.37
N LEU A 15 -0.83 -0.12 -1.40
CA LEU A 15 -2.14 0.48 -1.66
C LEU A 15 -2.03 1.99 -1.77
N GLY A 16 -0.82 2.51 -1.62
CA GLY A 16 -0.60 3.94 -1.71
C GLY A 16 -1.13 4.53 -3.00
N ALA A 17 -1.29 3.69 -4.01
CA ALA A 17 -1.80 4.12 -5.31
C ALA A 17 -3.23 3.65 -5.52
N ALA A 18 -3.68 2.73 -4.66
CA ALA A 18 -5.04 2.20 -4.77
C ALA A 18 -6.03 3.07 -4.00
N LEU A 19 -5.63 3.49 -2.80
CA LEU A 19 -6.49 4.33 -1.97
C LEU A 19 -6.34 5.80 -2.34
N ILE A 20 -5.20 6.14 -2.95
CA ILE A 20 -4.94 7.51 -3.36
C ILE A 20 -5.19 7.71 -4.85
N GLY A 21 -5.23 6.60 -5.58
CA GLY A 21 -5.46 6.67 -7.02
C GLY A 21 -6.93 6.52 -7.36
N ALA A 22 -7.81 6.88 -6.43
CA ALA A 22 -9.25 6.78 -6.64
C ALA A 22 -10.00 7.77 -5.76
N ILE A 23 -9.77 7.70 -4.47
CA ILE A 23 -10.43 8.58 -3.52
C ILE A 23 -10.25 10.04 -3.92
N ALA A 24 -9.14 10.33 -4.59
CA ALA A 24 -8.86 11.70 -5.04
C ALA A 24 -8.72 12.65 -3.86
N PRO A 25 -7.58 12.55 -3.15
CA PRO A 25 -7.30 13.39 -1.99
C PRO A 25 -7.05 14.84 -2.37
N LYS A 26 -6.78 15.07 -3.65
CA LYS A 26 -6.51 16.42 -4.15
C LYS A 26 -6.24 16.39 -5.65
N LYS A 27 -5.63 15.32 -6.11
CA LYS A 27 -5.30 15.17 -7.52
C LYS A 27 -6.52 15.48 -8.40
N LYS A 1 7.49 -18.82 5.46
CA LYS A 1 7.75 -17.98 6.62
C LYS A 1 7.93 -16.52 6.22
N LYS A 2 7.05 -16.04 5.34
CA LYS A 2 7.12 -14.67 4.87
C LYS A 2 5.72 -14.12 4.60
N LEU A 3 5.25 -13.22 5.47
CA LEU A 3 3.94 -12.63 5.32
C LEU A 3 3.98 -11.12 5.58
N SER A 4 4.08 -10.75 6.86
CA SER A 4 4.14 -9.35 7.24
C SER A 4 5.27 -8.63 6.52
N ILE A 5 6.33 -9.38 6.19
CA ILE A 5 7.47 -8.81 5.49
C ILE A 5 7.07 -8.26 4.13
N TYR A 6 6.00 -8.80 3.56
CA TYR A 6 5.52 -8.35 2.26
C TYR A 6 4.12 -7.75 2.38
N GLU A 7 3.67 -7.57 3.62
CA GLU A 7 2.35 -7.00 3.87
C GLU A 7 2.46 -5.63 4.54
N ARG A 8 3.44 -5.49 5.44
CA ARG A 8 3.65 -4.24 6.15
C ARG A 8 4.61 -3.34 5.37
N VAL A 9 5.30 -3.92 4.40
CA VAL A 9 6.25 -3.16 3.58
C VAL A 9 5.77 -3.06 2.14
N ALA A 10 5.24 -4.15 1.62
CA ALA A 10 4.75 -4.19 0.24
C ALA A 10 3.24 -3.94 0.20
N LEU A 11 2.79 -2.93 0.94
CA LEU A 11 1.37 -2.60 1.00
C LEU A 11 1.13 -1.40 1.91
N PHE A 12 1.94 -1.29 2.96
CA PHE A 12 1.81 -0.19 3.91
C PHE A 12 2.63 1.02 3.46
N GLY A 13 3.51 0.80 2.49
CA GLY A 13 4.33 1.88 1.97
C GLY A 13 4.26 2.01 0.47
N VAL A 14 3.53 1.10 -0.16
CA VAL A 14 3.38 1.12 -1.61
C VAL A 14 2.21 2.00 -2.04
N LEU A 15 1.13 1.94 -1.27
CA LEU A 15 -0.06 2.74 -1.57
C LEU A 15 0.09 4.17 -1.05
N GLY A 16 1.24 4.44 -0.44
CA GLY A 16 1.50 5.77 0.08
C GLY A 16 1.30 6.86 -0.96
N ALA A 17 1.37 6.47 -2.23
CA ALA A 17 1.20 7.42 -3.32
C ALA A 17 -0.19 7.29 -3.95
N ALA A 18 -0.86 6.19 -3.66
CA ALA A 18 -2.20 5.95 -4.19
C ALA A 18 -3.26 6.60 -3.32
N LEU A 19 -3.10 6.49 -2.00
CA LEU A 19 -4.06 7.07 -1.07
C LEU A 19 -3.74 8.54 -0.82
N ILE A 20 -2.49 8.93 -1.06
CA ILE A 20 -2.07 10.31 -0.87
C ILE A 20 -1.93 11.04 -2.20
N GLY A 21 -1.90 10.26 -3.28
CA GLY A 21 -1.76 10.85 -4.60
C GLY A 21 -2.85 11.86 -4.90
N ALA A 22 -3.96 11.76 -4.19
CA ALA A 22 -5.09 12.67 -4.38
C ALA A 22 -6.17 12.44 -3.34
N ILE A 23 -5.77 12.33 -2.08
CA ILE A 23 -6.71 12.11 -0.99
C ILE A 23 -7.62 10.91 -1.28
N ALA A 24 -7.01 9.81 -1.71
CA ALA A 24 -7.76 8.60 -2.02
C ALA A 24 -8.91 8.90 -2.98
N PRO A 25 -8.57 9.13 -4.26
CA PRO A 25 -9.56 9.43 -5.29
C PRO A 25 -10.43 8.23 -5.64
N LYS A 26 -9.86 7.04 -5.48
CA LYS A 26 -10.58 5.81 -5.78
C LYS A 26 -9.98 4.63 -5.00
N LYS A 27 -9.30 4.93 -3.91
CA LYS A 27 -8.67 3.91 -3.09
C LYS A 27 -9.57 3.53 -1.91
N LYS A 1 9.45 -19.01 5.48
CA LYS A 1 8.22 -18.36 5.91
C LYS A 1 8.32 -16.84 5.76
N LYS A 2 7.61 -16.30 4.77
CA LYS A 2 7.63 -14.87 4.52
C LYS A 2 6.20 -14.31 4.51
N LEU A 3 5.95 -13.30 5.34
CA LEU A 3 4.64 -12.68 5.41
C LEU A 3 4.76 -11.18 5.69
N SER A 4 5.22 -10.85 6.88
CA SER A 4 5.38 -9.45 7.28
C SER A 4 6.40 -8.75 6.38
N ILE A 5 7.35 -9.52 5.86
CA ILE A 5 8.39 -8.98 5.00
C ILE A 5 7.79 -8.36 3.74
N TYR A 6 6.61 -8.86 3.35
CA TYR A 6 5.93 -8.36 2.16
C TYR A 6 4.59 -7.73 2.53
N GLU A 7 4.35 -7.58 3.83
CA GLU A 7 3.11 -6.99 4.31
C GLU A 7 3.38 -5.63 4.98
N ARG A 8 4.49 -5.55 5.69
CA ARG A 8 4.86 -4.32 6.38
C ARG A 8 5.70 -3.42 5.47
N VAL A 9 6.21 -3.99 4.39
CA VAL A 9 7.03 -3.25 3.44
C VAL A 9 6.32 -3.09 2.10
N ALA A 10 5.67 -4.15 1.66
CA ALA A 10 4.95 -4.15 0.39
C ALA A 10 3.47 -3.87 0.60
N LEU A 11 3.17 -2.88 1.43
CA LEU A 11 1.79 -2.52 1.73
C LEU A 11 1.72 -1.35 2.71
N PHE A 12 2.70 -1.27 3.60
CA PHE A 12 2.76 -0.21 4.58
C PHE A 12 3.50 1.01 4.03
N GLY A 13 4.19 0.81 2.92
CA GLY A 13 4.94 1.90 2.30
C GLY A 13 4.73 1.97 0.80
N VAL A 14 3.86 1.10 0.27
CA VAL A 14 3.57 1.07 -1.15
C VAL A 14 2.26 1.77 -1.46
N LEU A 15 1.36 1.81 -0.48
CA LEU A 15 0.07 2.46 -0.66
C LEU A 15 0.18 3.97 -0.49
N GLY A 16 1.40 4.44 -0.21
CA GLY A 16 1.63 5.87 -0.04
C GLY A 16 1.15 6.67 -1.23
N ALA A 17 1.02 6.02 -2.37
CA ALA A 17 0.56 6.68 -3.59
C ALA A 17 -0.76 6.10 -4.08
N ALA A 18 -1.33 5.20 -3.28
CA ALA A 18 -2.60 4.57 -3.63
C ALA A 18 -3.76 5.24 -2.89
N LEU A 19 -3.55 5.55 -1.62
CA LEU A 19 -4.57 6.21 -0.81
C LEU A 19 -4.23 7.67 -0.57
N ILE A 20 -2.97 8.02 -0.75
CA ILE A 20 -2.52 9.39 -0.56
C ILE A 20 -1.93 9.96 -1.85
N GLY A 21 -1.80 9.11 -2.86
CA GLY A 21 -1.25 9.55 -4.14
C GLY A 21 -1.96 10.78 -4.67
N ALA A 22 -3.23 10.93 -4.31
CA ALA A 22 -4.01 12.07 -4.76
C ALA A 22 -5.13 12.39 -3.78
N ILE A 23 -4.82 12.31 -2.49
CA ILE A 23 -5.80 12.60 -1.45
C ILE A 23 -7.09 11.79 -1.67
N ALA A 24 -6.94 10.52 -1.99
CA ALA A 24 -8.07 9.64 -2.23
C ALA A 24 -9.04 10.26 -3.23
N PRO A 25 -8.65 10.25 -4.51
CA PRO A 25 -9.47 10.80 -5.59
C PRO A 25 -10.72 9.97 -5.86
N LYS A 26 -10.53 8.65 -5.99
CA LYS A 26 -11.65 7.75 -6.23
C LYS A 26 -11.16 6.31 -6.33
N LYS A 27 -10.04 6.11 -7.02
CA LYS A 27 -9.46 4.79 -7.18
C LYS A 27 -10.51 3.79 -7.69
N LYS A 1 9.48 -17.52 8.06
CA LYS A 1 8.23 -17.66 7.32
C LYS A 1 8.03 -16.50 6.35
N LYS A 2 8.62 -15.35 6.67
CA LYS A 2 8.51 -14.18 5.82
C LYS A 2 7.06 -13.72 5.69
N LEU A 3 6.68 -12.72 6.47
CA LEU A 3 5.32 -12.20 6.44
C LEU A 3 5.32 -10.66 6.45
N SER A 4 5.61 -10.08 7.61
CA SER A 4 5.64 -8.63 7.74
C SER A 4 6.60 -8.01 6.72
N ILE A 5 7.63 -8.78 6.35
CA ILE A 5 8.61 -8.31 5.39
C ILE A 5 7.96 -7.98 4.05
N TYR A 6 6.84 -8.63 3.76
CA TYR A 6 6.13 -8.40 2.51
C TYR A 6 4.75 -7.81 2.78
N GLU A 7 4.49 -7.46 4.03
CA GLU A 7 3.20 -6.89 4.42
C GLU A 7 3.38 -5.42 4.83
N ARG A 8 4.48 -5.11 5.49
CA ARG A 8 4.76 -3.75 5.93
C ARG A 8 5.51 -2.98 4.86
N VAL A 9 6.06 -3.69 3.89
CA VAL A 9 6.80 -3.07 2.80
C VAL A 9 6.09 -3.25 1.47
N ALA A 10 5.55 -4.45 1.26
CA ALA A 10 4.83 -4.75 0.02
C ALA A 10 3.33 -4.62 0.21
N LEU A 11 2.92 -3.58 0.95
CA LEU A 11 1.51 -3.34 1.20
C LEU A 11 1.31 -2.00 1.90
N PHE A 12 2.26 -1.64 2.77
CA PHE A 12 2.20 -0.38 3.51
C PHE A 12 2.73 0.78 2.67
N GLY A 13 3.39 0.43 1.57
CA GLY A 13 3.94 1.46 0.69
C GLY A 13 3.69 1.16 -0.77
N VAL A 14 2.93 0.10 -1.04
CA VAL A 14 2.61 -0.28 -2.41
C VAL A 14 1.17 0.11 -2.77
N LEU A 15 0.33 0.22 -1.75
CA LEU A 15 -1.07 0.60 -1.97
C LEU A 15 -1.22 2.11 -2.11
N GLY A 16 -0.09 2.82 -2.03
CA GLY A 16 -0.12 4.25 -2.15
C GLY A 16 -0.80 4.72 -3.42
N ALA A 17 -0.87 3.83 -4.41
CA ALA A 17 -1.50 4.16 -5.68
C ALA A 17 -2.86 3.48 -5.81
N ALA A 18 -3.13 2.53 -4.92
CA ALA A 18 -4.40 1.81 -4.93
C ALA A 18 -5.45 2.53 -4.10
N LEU A 19 -5.05 3.05 -2.95
CA LEU A 19 -5.96 3.77 -2.06
C LEU A 19 -6.05 5.24 -2.45
N ILE A 20 -5.05 5.70 -3.20
CA ILE A 20 -5.01 7.09 -3.64
C ILE A 20 -5.38 7.21 -5.12
N GLY A 21 -5.23 6.11 -5.85
CA GLY A 21 -5.54 6.11 -7.26
C GLY A 21 -6.98 5.71 -7.54
N ALA A 22 -7.83 5.83 -6.53
CA ALA A 22 -9.24 5.47 -6.67
C ALA A 22 -10.10 6.27 -5.69
N ILE A 23 -9.70 6.28 -4.43
CA ILE A 23 -10.44 7.00 -3.40
C ILE A 23 -10.36 8.51 -3.62
N ALA A 24 -9.24 8.96 -4.18
CA ALA A 24 -9.05 10.38 -4.45
C ALA A 24 -9.29 11.22 -3.19
N PRO A 25 -8.35 11.13 -2.23
CA PRO A 25 -8.44 11.87 -0.97
C PRO A 25 -8.24 13.36 -1.16
N LYS A 26 -7.67 13.73 -2.31
CA LYS A 26 -7.42 15.14 -2.62
C LYS A 26 -6.78 15.29 -3.99
N LYS A 27 -5.96 14.30 -4.36
CA LYS A 27 -5.28 14.32 -5.65
C LYS A 27 -6.27 14.59 -6.79
N LYS A 1 10.85 -17.00 9.84
CA LYS A 1 9.91 -17.17 8.72
C LYS A 1 9.81 -15.89 7.90
N LYS A 2 9.26 -16.01 6.70
CA LYS A 2 9.10 -14.86 5.81
C LYS A 2 7.62 -14.52 5.64
N LEU A 3 7.30 -13.23 5.74
CA LEU A 3 5.93 -12.76 5.60
C LEU A 3 5.85 -11.25 5.75
N SER A 4 6.19 -10.76 6.93
CA SER A 4 6.16 -9.32 7.20
C SER A 4 6.97 -8.56 6.16
N ILE A 5 8.03 -9.18 5.67
CA ILE A 5 8.88 -8.55 4.67
C ILE A 5 8.10 -8.26 3.39
N TYR A 6 7.06 -9.05 3.15
CA TYR A 6 6.23 -8.87 1.95
C TYR A 6 4.82 -8.46 2.33
N GLU A 7 4.63 -8.12 3.59
CA GLU A 7 3.32 -7.69 4.08
C GLU A 7 3.35 -6.25 4.56
N ARG A 8 4.44 -5.86 5.21
CA ARG A 8 4.60 -4.51 5.71
C ARG A 8 5.21 -3.60 4.64
N VAL A 9 5.74 -4.20 3.60
CA VAL A 9 6.36 -3.45 2.50
C VAL A 9 5.56 -3.59 1.22
N ALA A 10 5.12 -4.81 0.92
CA ALA A 10 4.34 -5.07 -0.27
C ALA A 10 2.85 -5.05 0.03
N LEU A 11 2.41 -4.03 0.76
CA LEU A 11 1.00 -3.88 1.11
C LEU A 11 0.78 -2.62 1.95
N PHE A 12 1.77 -2.27 2.75
CA PHE A 12 1.69 -1.08 3.60
C PHE A 12 2.18 0.16 2.85
N GLY A 13 2.83 -0.06 1.72
CA GLY A 13 3.34 1.05 0.93
C GLY A 13 3.04 0.89 -0.55
N VAL A 14 2.30 -0.16 -0.89
CA VAL A 14 1.95 -0.42 -2.29
C VAL A 14 0.52 0.02 -2.58
N LEU A 15 -0.31 0.06 -1.55
CA LEU A 15 -1.70 0.47 -1.69
C LEU A 15 -1.82 1.99 -1.71
N GLY A 16 -0.69 2.67 -1.60
CA GLY A 16 -0.70 4.12 -1.60
C GLY A 16 -1.39 4.70 -2.81
N ALA A 17 -1.51 3.89 -3.86
CA ALA A 17 -2.16 4.32 -5.10
C ALA A 17 -3.53 3.67 -5.25
N ALA A 18 -3.79 2.66 -4.43
CA ALA A 18 -5.06 1.95 -4.47
C ALA A 18 -6.11 2.62 -3.60
N LEU A 19 -5.69 3.03 -2.39
CA LEU A 19 -6.59 3.68 -1.46
C LEU A 19 -6.67 5.18 -1.74
N ILE A 20 -5.64 5.71 -2.41
CA ILE A 20 -5.60 7.13 -2.74
C ILE A 20 -5.99 7.35 -4.20
N GLY A 21 -5.91 6.30 -5.00
CA GLY A 21 -6.27 6.41 -6.40
C GLY A 21 -7.73 6.09 -6.66
N ALA A 22 -8.54 6.14 -5.61
CA ALA A 22 -9.96 5.86 -5.73
C ALA A 22 -10.80 7.04 -5.28
N ILE A 23 -10.88 7.25 -3.97
CA ILE A 23 -11.65 8.36 -3.42
C ILE A 23 -11.12 9.69 -3.92
N ALA A 24 -9.83 9.74 -4.24
CA ALA A 24 -9.21 10.96 -4.72
C ALA A 24 -9.25 12.06 -3.67
N PRO A 25 -8.40 11.93 -2.64
CA PRO A 25 -8.31 12.90 -1.55
C PRO A 25 -7.72 14.23 -2.00
N LYS A 26 -6.69 14.15 -2.85
CA LYS A 26 -6.03 15.35 -3.36
C LYS A 26 -5.92 15.30 -4.87
N LYS A 27 -6.40 14.21 -5.47
CA LYS A 27 -6.36 14.05 -6.92
C LYS A 27 -7.58 14.68 -7.57
N LYS A 1 9.32 -17.53 8.85
CA LYS A 1 10.32 -16.50 9.13
C LYS A 1 9.96 -15.19 8.44
N LYS A 2 9.50 -15.29 7.19
CA LYS A 2 9.12 -14.11 6.42
C LYS A 2 7.61 -13.91 6.44
N LEU A 3 7.15 -13.00 7.29
CA LEU A 3 5.73 -12.71 7.40
C LEU A 3 5.44 -11.23 7.18
N SER A 4 5.76 -10.42 8.18
CA SER A 4 5.55 -8.98 8.09
C SER A 4 6.26 -8.39 6.88
N ILE A 5 7.35 -9.04 6.47
CA ILE A 5 8.13 -8.58 5.32
C ILE A 5 7.25 -8.45 4.08
N TYR A 6 6.19 -9.27 4.02
CA TYR A 6 5.28 -9.24 2.89
C TYR A 6 3.89 -8.78 3.32
N GLU A 7 3.81 -8.25 4.54
CA GLU A 7 2.54 -7.77 5.08
C GLU A 7 2.57 -6.25 5.27
N ARG A 8 3.70 -5.75 5.72
CA ARG A 8 3.87 -4.32 5.95
C ARG A 8 4.40 -3.62 4.69
N VAL A 9 4.89 -4.41 3.75
CA VAL A 9 5.43 -3.87 2.51
C VAL A 9 4.58 -4.28 1.31
N ALA A 10 4.12 -5.53 1.32
CA ALA A 10 3.30 -6.04 0.24
C ALA A 10 1.81 -5.91 0.58
N LEU A 11 1.43 -4.75 1.08
CA LEU A 11 0.03 -4.49 1.45
C LEU A 11 -0.12 -3.09 2.03
N PHE A 12 0.92 -2.60 2.69
CA PHE A 12 0.90 -1.27 3.28
C PHE A 12 1.45 -0.22 2.32
N GLY A 13 2.13 -0.69 1.27
CA GLY A 13 2.70 0.21 0.29
C GLY A 13 2.30 -0.15 -1.13
N VAL A 14 1.59 -1.27 -1.28
CA VAL A 14 1.15 -1.72 -2.60
C VAL A 14 -0.16 -1.07 -2.98
N LEU A 15 -0.97 -0.74 -1.98
CA LEU A 15 -2.27 -0.11 -2.22
C LEU A 15 -2.11 1.40 -2.43
N GLY A 16 -0.87 1.86 -2.38
CA GLY A 16 -0.61 3.28 -2.57
C GLY A 16 -1.18 3.81 -3.86
N ALA A 17 -1.45 2.92 -4.80
CA ALA A 17 -2.00 3.30 -6.10
C ALA A 17 -3.47 2.91 -6.19
N ALA A 18 -3.92 2.08 -5.26
CA ALA A 18 -5.31 1.63 -5.24
C ALA A 18 -6.19 2.59 -4.45
N LEU A 19 -5.68 3.07 -3.32
CA LEU A 19 -6.41 4.00 -2.48
C LEU A 19 -6.20 5.44 -2.94
N ILE A 20 -5.14 5.65 -3.70
CA ILE A 20 -4.83 6.98 -4.21
C ILE A 20 -5.16 7.11 -5.69
N GLY A 21 -5.26 5.96 -6.37
CA GLY A 21 -5.57 5.96 -7.78
C GLY A 21 -7.06 5.85 -8.04
N ALA A 22 -7.87 6.19 -7.04
CA ALA A 22 -9.31 6.13 -7.17
C ALA A 22 -9.99 7.13 -6.23
N ILE A 23 -9.59 7.11 -4.97
CA ILE A 23 -10.15 8.01 -3.97
C ILE A 23 -9.77 9.47 -4.26
N ALA A 24 -8.58 9.65 -4.84
CA ALA A 24 -8.10 10.99 -5.18
C ALA A 24 -8.18 11.92 -3.97
N PRO A 25 -7.26 11.72 -3.01
CA PRO A 25 -7.21 12.52 -1.79
C PRO A 25 -6.76 13.95 -2.06
N LYS A 26 -5.69 14.09 -2.85
CA LYS A 26 -5.16 15.41 -3.19
C LYS A 26 -3.97 15.28 -4.13
N LYS A 27 -3.11 14.29 -3.87
CA LYS A 27 -1.94 14.06 -4.70
C LYS A 27 -1.14 15.35 -4.87
N LYS A 1 13.48 -16.57 7.00
CA LYS A 1 12.04 -16.70 7.15
C LYS A 1 11.32 -15.58 6.41
N LYS A 2 9.99 -15.67 6.35
CA LYS A 2 9.17 -14.68 5.68
C LYS A 2 8.01 -14.24 6.54
N LEU A 3 8.07 -13.01 7.04
CA LEU A 3 7.00 -12.47 7.89
C LEU A 3 7.17 -10.96 8.08
N SER A 4 6.14 -10.20 7.72
CA SER A 4 6.17 -8.75 7.85
C SER A 4 7.10 -8.13 6.83
N ILE A 5 7.67 -8.98 5.96
CA ILE A 5 8.58 -8.52 4.93
C ILE A 5 7.92 -8.56 3.55
N TYR A 6 6.66 -8.97 3.52
CA TYR A 6 5.91 -9.06 2.27
C TYR A 6 4.68 -8.15 2.31
N GLU A 7 4.11 -7.99 3.49
CA GLU A 7 2.93 -7.14 3.66
C GLU A 7 3.32 -5.75 4.12
N ARG A 8 4.61 -5.54 4.35
CA ARG A 8 5.11 -4.25 4.79
C ARG A 8 5.72 -3.48 3.63
N VAL A 9 6.06 -4.19 2.56
CA VAL A 9 6.65 -3.58 1.38
C VAL A 9 5.80 -3.84 0.15
N ALA A 10 5.32 -5.07 0.02
CA ALA A 10 4.48 -5.45 -1.12
C ALA A 10 3.01 -5.45 -0.74
N LEU A 11 2.59 -4.43 0.00
CA LEU A 11 1.20 -4.31 0.43
C LEU A 11 0.95 -2.97 1.11
N PHE A 12 1.96 -2.50 1.85
CA PHE A 12 1.84 -1.23 2.56
C PHE A 12 2.24 -0.06 1.65
N GLY A 13 2.87 -0.38 0.53
CA GLY A 13 3.29 0.65 -0.40
C GLY A 13 2.81 0.37 -1.81
N VAL A 14 2.16 -0.77 -2.02
CA VAL A 14 1.65 -1.14 -3.33
C VAL A 14 0.25 -0.58 -3.56
N LEU A 15 -0.56 -0.59 -2.50
CA LEU A 15 -1.92 -0.07 -2.59
C LEU A 15 -1.94 1.45 -2.47
N GLY A 16 -0.77 2.04 -2.32
CA GLY A 16 -0.67 3.49 -2.21
C GLY A 16 -1.31 4.20 -3.37
N ALA A 17 -1.49 3.49 -4.49
CA ALA A 17 -2.10 4.07 -5.68
C ALA A 17 -3.44 3.41 -5.98
N ALA A 18 -3.82 2.43 -5.16
CA ALA A 18 -5.08 1.73 -5.33
C ALA A 18 -6.17 2.32 -4.46
N LEU A 19 -5.81 2.68 -3.23
CA LEU A 19 -6.77 3.26 -2.30
C LEU A 19 -6.67 4.78 -2.29
N ILE A 20 -5.51 5.30 -2.69
CA ILE A 20 -5.28 6.73 -2.74
C ILE A 20 -5.02 7.20 -4.16
N GLY A 21 -4.61 6.27 -5.03
CA GLY A 21 -4.34 6.61 -6.40
C GLY A 21 -5.54 6.43 -7.30
N ALA A 22 -6.73 6.39 -6.69
CA ALA A 22 -7.96 6.22 -7.43
C ALA A 22 -8.94 7.36 -7.14
N ILE A 23 -9.46 7.39 -5.92
CA ILE A 23 -10.40 8.43 -5.52
C ILE A 23 -9.77 9.81 -5.58
N ALA A 24 -8.45 9.86 -5.43
CA ALA A 24 -7.71 11.12 -5.49
C ALA A 24 -8.25 12.10 -4.46
N PRO A 25 -7.94 11.86 -3.18
CA PRO A 25 -8.38 12.71 -2.07
C PRO A 25 -7.68 14.08 -2.08
N LYS A 26 -6.55 14.15 -2.76
CA LYS A 26 -5.80 15.39 -2.85
C LYS A 26 -4.90 15.40 -4.09
N LYS A 27 -5.27 14.59 -5.08
CA LYS A 27 -4.51 14.51 -6.32
C LYS A 27 -5.09 15.42 -7.39
N LYS A 1 13.93 -15.45 3.72
CA LYS A 1 12.69 -15.68 4.46
C LYS A 1 11.85 -14.41 4.52
N LYS A 2 10.53 -14.58 4.55
CA LYS A 2 9.61 -13.45 4.63
C LYS A 2 8.60 -13.65 5.74
N LEU A 3 8.77 -12.91 6.83
CA LEU A 3 7.86 -13.01 7.97
C LEU A 3 7.37 -11.62 8.40
N SER A 4 6.13 -11.30 8.05
CA SER A 4 5.55 -10.01 8.40
C SER A 4 6.03 -8.93 7.44
N ILE A 5 7.33 -8.93 7.16
CA ILE A 5 7.92 -7.94 6.27
C ILE A 5 7.19 -7.91 4.93
N TYR A 6 6.62 -9.05 4.54
CA TYR A 6 5.89 -9.14 3.29
C TYR A 6 4.51 -8.50 3.40
N GLU A 7 3.93 -8.57 4.60
CA GLU A 7 2.61 -7.99 4.85
C GLU A 7 2.73 -6.51 5.20
N ARG A 8 3.90 -6.10 5.65
CA ARG A 8 4.14 -4.72 6.02
C ARG A 8 4.66 -3.92 4.83
N VAL A 9 4.92 -4.62 3.72
CA VAL A 9 5.43 -3.97 2.52
C VAL A 9 4.50 -4.21 1.33
N ALA A 10 4.17 -5.48 1.10
CA ALA A 10 3.28 -5.83 0.01
C ALA A 10 1.82 -5.85 0.46
N LEU A 11 1.42 -4.82 1.17
CA LEU A 11 0.05 -4.71 1.67
C LEU A 11 -0.17 -3.40 2.40
N PHE A 12 0.88 -2.93 3.09
CA PHE A 12 0.80 -1.68 3.84
C PHE A 12 1.29 -0.50 2.99
N GLY A 13 1.91 -0.82 1.86
CA GLY A 13 2.41 0.21 0.97
C GLY A 13 1.99 0.00 -0.46
N VAL A 14 1.24 -1.07 -0.71
CA VAL A 14 0.77 -1.38 -2.05
C VAL A 14 -0.57 -0.70 -2.34
N LEU A 15 -1.30 -0.38 -1.27
CA LEU A 15 -2.60 0.28 -1.40
C LEU A 15 -2.43 1.77 -1.63
N GLY A 16 -1.18 2.23 -1.65
CA GLY A 16 -0.90 3.64 -1.86
C GLY A 16 -1.55 4.17 -3.13
N ALA A 17 -1.87 3.28 -4.05
CA ALA A 17 -2.50 3.67 -5.30
C ALA A 17 -3.91 3.10 -5.42
N ALA A 18 -4.34 2.37 -4.39
CA ALA A 18 -5.66 1.77 -4.38
C ALA A 18 -6.65 2.66 -3.61
N LEU A 19 -6.20 3.21 -2.50
CA LEU A 19 -7.04 4.08 -1.68
C LEU A 19 -6.78 5.55 -2.00
N ILE A 20 -5.63 5.83 -2.59
CA ILE A 20 -5.26 7.20 -2.95
C ILE A 20 -5.10 7.34 -4.46
N GLY A 21 -4.84 6.22 -5.14
CA GLY A 21 -4.68 6.25 -6.57
C GLY A 21 -5.97 6.02 -7.31
N ALA A 22 -7.09 6.21 -6.62
CA ALA A 22 -8.40 6.02 -7.21
C ALA A 22 -9.31 7.22 -6.98
N ILE A 23 -9.62 7.48 -5.72
CA ILE A 23 -10.47 8.62 -5.37
C ILE A 23 -9.85 9.93 -5.82
N ALA A 24 -8.52 9.95 -5.93
CA ALA A 24 -7.81 11.14 -6.35
C ALA A 24 -8.04 12.30 -5.38
N PRO A 25 -7.40 12.22 -4.21
CA PRO A 25 -7.52 13.25 -3.16
C PRO A 25 -6.84 14.55 -3.56
N LYS A 26 -5.62 14.44 -4.08
CA LYS A 26 -4.85 15.61 -4.50
C LYS A 26 -3.81 15.23 -5.56
N LYS A 27 -4.05 14.12 -6.25
CA LYS A 27 -3.14 13.65 -7.28
C LYS A 27 -3.59 14.12 -8.66
N LYS A 1 12.42 -17.36 8.70
CA LYS A 1 11.14 -17.24 8.00
C LYS A 1 10.93 -15.82 7.48
N LYS A 2 9.86 -15.63 6.73
CA LYS A 2 9.55 -14.32 6.17
C LYS A 2 8.04 -14.09 6.17
N LEU A 3 7.64 -12.84 6.42
CA LEU A 3 6.22 -12.49 6.44
C LEU A 3 6.04 -10.99 6.67
N SER A 4 6.50 -10.51 7.82
CA SER A 4 6.38 -9.10 8.16
C SER A 4 6.91 -8.22 7.03
N ILE A 5 8.12 -8.51 6.58
CA ILE A 5 8.73 -7.75 5.49
C ILE A 5 7.82 -7.71 4.27
N TYR A 6 7.25 -8.85 3.92
CA TYR A 6 6.36 -8.95 2.77
C TYR A 6 4.95 -8.47 3.12
N GLU A 7 4.77 -8.09 4.39
CA GLU A 7 3.47 -7.60 4.86
C GLU A 7 3.46 -6.09 4.95
N ARG A 8 4.61 -5.50 5.28
CA ARG A 8 4.73 -4.05 5.39
C ARG A 8 5.06 -3.42 4.05
N VAL A 9 5.44 -4.25 3.08
CA VAL A 9 5.80 -3.78 1.75
C VAL A 9 4.79 -4.27 0.71
N ALA A 10 4.46 -5.56 0.76
CA ALA A 10 3.51 -6.14 -0.17
C ALA A 10 2.09 -6.10 0.39
N LEU A 11 1.72 -4.94 0.92
CA LEU A 11 0.39 -4.75 1.49
C LEU A 11 0.21 -3.35 2.04
N PHE A 12 1.31 -2.78 2.54
CA PHE A 12 1.27 -1.43 3.09
C PHE A 12 1.61 -0.39 2.02
N GLY A 13 2.08 -0.87 0.88
CA GLY A 13 2.44 0.03 -0.21
C GLY A 13 1.85 -0.40 -1.53
N VAL A 14 1.09 -1.50 -1.51
CA VAL A 14 0.46 -2.02 -2.73
C VAL A 14 -0.93 -1.42 -2.92
N LEU A 15 -1.49 -0.89 -1.84
CA LEU A 15 -2.82 -0.29 -1.90
C LEU A 15 -2.72 1.23 -1.95
N GLY A 16 -1.49 1.75 -1.89
CA GLY A 16 -1.28 3.18 -1.94
C GLY A 16 -1.92 3.82 -3.16
N ALA A 17 -2.18 3.01 -4.17
CA ALA A 17 -2.79 3.51 -5.40
C ALA A 17 -4.21 2.96 -5.58
N ALA A 18 -4.63 2.13 -4.63
CA ALA A 18 -5.98 1.55 -4.67
C ALA A 18 -6.95 2.35 -3.83
N LEU A 19 -6.49 2.81 -2.66
CA LEU A 19 -7.33 3.59 -1.77
C LEU A 19 -7.08 5.09 -1.94
N ILE A 20 -5.90 5.43 -2.45
CA ILE A 20 -5.55 6.82 -2.69
C ILE A 20 -5.31 7.09 -4.17
N GLY A 21 -5.03 6.04 -4.92
CA GLY A 21 -4.79 6.18 -6.34
C GLY A 21 -6.06 6.02 -7.17
N ALA A 22 -7.21 6.17 -6.51
CA ALA A 22 -8.49 6.05 -7.19
C ALA A 22 -9.35 7.29 -6.98
N ILE A 23 -9.82 7.47 -5.76
CA ILE A 23 -10.66 8.62 -5.43
C ILE A 23 -9.93 9.93 -5.75
N ALA A 24 -8.61 9.92 -5.65
CA ALA A 24 -7.81 11.10 -5.93
C ALA A 24 -8.13 12.23 -4.96
N PRO A 25 -7.66 12.09 -3.71
CA PRO A 25 -7.89 13.09 -2.67
C PRO A 25 -7.12 14.38 -2.91
N LYS A 26 -5.96 14.25 -3.57
CA LYS A 26 -5.13 15.40 -3.87
C LYS A 26 -4.22 15.12 -5.07
N LYS A 27 -4.63 14.16 -5.90
CA LYS A 27 -3.85 13.79 -7.08
C LYS A 27 -4.36 14.52 -8.31
N LYS A 1 10.90 -17.48 9.64
CA LYS A 1 11.87 -16.39 9.77
C LYS A 1 11.38 -15.14 9.06
N LYS A 2 10.91 -15.30 7.83
CA LYS A 2 10.40 -14.18 7.05
C LYS A 2 8.97 -14.45 6.58
N LEU A 3 8.12 -13.43 6.67
CA LEU A 3 6.73 -13.55 6.25
C LEU A 3 6.07 -12.18 6.14
N SER A 4 5.77 -11.58 7.29
CA SER A 4 5.14 -10.27 7.32
C SER A 4 5.93 -9.26 6.50
N ILE A 5 7.25 -9.42 6.48
CA ILE A 5 8.12 -8.53 5.72
C ILE A 5 7.73 -8.49 4.25
N TYR A 6 7.08 -9.56 3.80
CA TYR A 6 6.66 -9.65 2.41
C TYR A 6 5.14 -9.61 2.29
N GLU A 7 4.46 -9.98 3.38
CA GLU A 7 3.00 -9.97 3.41
C GLU A 7 2.46 -8.57 3.60
N ARG A 8 3.24 -7.71 4.23
CA ARG A 8 2.84 -6.32 4.47
C ARG A 8 3.13 -5.46 3.25
N VAL A 9 4.33 -5.63 2.68
CA VAL A 9 4.73 -4.86 1.51
C VAL A 9 3.66 -4.92 0.43
N ALA A 10 2.89 -5.99 0.41
CA ALA A 10 1.83 -6.17 -0.57
C ALA A 10 0.53 -5.57 -0.09
N LEU A 11 0.62 -4.50 0.70
CA LEU A 11 -0.56 -3.83 1.24
C LEU A 11 -0.19 -2.46 1.80
N PHE A 12 1.00 -2.35 2.36
CA PHE A 12 1.47 -1.09 2.93
C PHE A 12 1.95 -0.14 1.85
N GLY A 13 2.20 -0.69 0.66
CA GLY A 13 2.66 0.12 -0.46
C GLY A 13 1.90 -0.16 -1.74
N VAL A 14 0.92 -1.06 -1.65
CA VAL A 14 0.12 -1.42 -2.82
C VAL A 14 -1.22 -0.70 -2.82
N LEU A 15 -1.67 -0.30 -1.63
CA LEU A 15 -2.94 0.40 -1.49
C LEU A 15 -2.77 1.89 -1.79
N GLY A 16 -1.55 2.28 -2.12
CA GLY A 16 -1.27 3.67 -2.42
C GLY A 16 -2.15 4.21 -3.53
N ALA A 17 -2.73 3.31 -4.31
CA ALA A 17 -3.61 3.70 -5.41
C ALA A 17 -5.03 3.21 -5.18
N ALA A 18 -5.25 2.56 -4.04
CA ALA A 18 -6.57 2.04 -3.70
C ALA A 18 -7.32 3.02 -2.80
N LEU A 19 -6.61 3.58 -1.83
CA LEU A 19 -7.22 4.52 -0.89
C LEU A 19 -6.93 5.96 -1.32
N ILE A 20 -5.87 6.14 -2.11
CA ILE A 20 -5.49 7.46 -2.58
C ILE A 20 -5.59 7.55 -4.10
N GLY A 21 -5.58 6.40 -4.75
CA GLY A 21 -5.67 6.36 -6.20
C GLY A 21 -7.10 6.25 -6.70
N ALA A 22 -8.04 6.59 -5.83
CA ALA A 22 -9.46 6.53 -6.18
C ALA A 22 -10.15 7.86 -5.89
N ILE A 23 -10.17 8.24 -4.61
CA ILE A 23 -10.80 9.50 -4.20
C ILE A 23 -10.02 10.71 -4.73
N ALA A 24 -8.73 10.50 -4.98
CA ALA A 24 -7.87 11.58 -5.49
C ALA A 24 -7.97 12.81 -4.60
N PRO A 25 -7.35 12.75 -3.41
CA PRO A 25 -7.35 13.86 -2.46
C PRO A 25 -6.51 15.04 -2.94
N LYS A 26 -5.52 14.75 -3.77
CA LYS A 26 -4.65 15.79 -4.31
C LYS A 26 -4.01 15.34 -5.62
N LYS A 27 -4.65 14.39 -6.29
CA LYS A 27 -4.14 13.87 -7.56
C LYS A 27 -4.81 14.57 -8.73
N LYS A 1 11.97 -18.46 7.44
CA LYS A 1 10.57 -18.06 7.56
C LYS A 1 10.43 -16.54 7.42
N LYS A 2 9.45 -16.11 6.65
CA LYS A 2 9.20 -14.68 6.43
C LYS A 2 7.73 -14.34 6.64
N LEU A 3 7.42 -13.05 6.65
CA LEU A 3 6.05 -12.60 6.84
C LEU A 3 5.98 -11.08 6.80
N SER A 4 6.42 -10.44 7.88
CA SER A 4 6.40 -8.98 7.97
C SER A 4 7.10 -8.35 6.77
N ILE A 5 8.15 -9.03 6.28
CA ILE A 5 8.90 -8.53 5.14
C ILE A 5 8.03 -8.46 3.89
N TYR A 6 7.01 -9.32 3.84
CA TYR A 6 6.10 -9.35 2.70
C TYR A 6 4.71 -8.88 3.10
N GLU A 7 4.59 -8.35 4.32
CA GLU A 7 3.31 -7.87 4.82
C GLU A 7 3.36 -6.35 5.03
N ARG A 8 4.49 -5.87 5.52
CA ARG A 8 4.66 -4.44 5.77
C ARG A 8 5.16 -3.72 4.51
N VAL A 9 5.61 -4.49 3.53
CA VAL A 9 6.10 -3.94 2.27
C VAL A 9 5.20 -4.32 1.12
N ALA A 10 4.79 -5.59 1.07
CA ALA A 10 3.92 -6.08 0.01
C ALA A 10 2.46 -5.97 0.41
N LEU A 11 2.08 -4.83 0.97
CA LEU A 11 0.71 -4.60 1.40
C LEU A 11 0.54 -3.21 2.00
N PHE A 12 1.60 -2.73 2.65
CA PHE A 12 1.58 -1.41 3.27
C PHE A 12 2.06 -0.34 2.30
N GLY A 13 2.63 -0.78 1.18
CA GLY A 13 3.13 0.15 0.19
C GLY A 13 2.65 -0.18 -1.21
N VAL A 14 1.86 -1.24 -1.33
CA VAL A 14 1.34 -1.67 -2.62
C VAL A 14 0.01 -0.98 -2.93
N LEU A 15 -0.64 -0.47 -1.87
CA LEU A 15 -1.92 0.21 -2.03
C LEU A 15 -1.73 1.73 -2.00
N GLY A 16 -0.49 2.17 -1.81
CA GLY A 16 -0.20 3.58 -1.77
C GLY A 16 -0.67 4.31 -3.01
N ALA A 17 -0.89 3.56 -4.09
CA ALA A 17 -1.34 4.13 -5.35
C ALA A 17 -2.75 3.67 -5.69
N ALA A 18 -3.31 2.82 -4.83
CA ALA A 18 -4.66 2.30 -5.04
C ALA A 18 -5.68 3.12 -4.27
N LEU A 19 -5.32 3.53 -3.06
CA LEU A 19 -6.22 4.32 -2.21
C LEU A 19 -5.89 5.81 -2.32
N ILE A 20 -4.67 6.11 -2.75
CA ILE A 20 -4.24 7.50 -2.90
C ILE A 20 -3.91 7.81 -4.35
N GLY A 21 -3.59 6.77 -5.12
CA GLY A 21 -3.25 6.96 -6.52
C GLY A 21 -4.46 6.84 -7.43
N ALA A 22 -5.65 6.98 -6.84
CA ALA A 22 -6.89 6.89 -7.60
C ALA A 22 -7.99 7.73 -6.97
N ILE A 23 -8.21 7.53 -5.67
CA ILE A 23 -9.23 8.28 -4.94
C ILE A 23 -8.93 9.78 -4.95
N ALA A 24 -7.65 10.11 -5.06
CA ALA A 24 -7.23 11.51 -5.09
C ALA A 24 -7.76 12.27 -3.87
N PRO A 25 -7.28 11.89 -2.68
CA PRO A 25 -7.70 12.52 -1.42
C PRO A 25 -7.19 13.95 -1.29
N LYS A 26 -7.55 14.79 -2.26
CA LYS A 26 -7.13 16.19 -2.25
C LYS A 26 -7.60 16.90 -3.51
N LYS A 27 -7.29 16.32 -4.67
CA LYS A 27 -7.67 16.90 -5.95
C LYS A 27 -7.37 18.39 -5.99
N LYS A 1 6.85 -18.54 5.96
CA LYS A 1 8.04 -18.12 5.23
C LYS A 1 7.95 -16.64 4.85
N LYS A 2 6.77 -16.22 4.40
CA LYS A 2 6.56 -14.84 4.00
C LYS A 2 5.41 -14.22 4.80
N LEU A 3 5.55 -12.94 5.13
CA LEU A 3 4.52 -12.23 5.89
C LEU A 3 4.88 -10.75 6.04
N SER A 4 5.97 -10.48 6.76
CA SER A 4 6.41 -9.11 6.97
C SER A 4 6.58 -8.37 5.65
N ILE A 5 6.98 -9.11 4.61
CA ILE A 5 7.17 -8.54 3.28
C ILE A 5 5.87 -7.96 2.74
N TYR A 6 4.75 -8.53 3.17
CA TYR A 6 3.44 -8.09 2.73
C TYR A 6 2.65 -7.48 3.88
N GLU A 7 3.34 -7.20 4.99
CA GLU A 7 2.71 -6.63 6.16
C GLU A 7 3.32 -5.26 6.49
N ARG A 8 4.64 -5.17 6.36
CA ARG A 8 5.34 -3.93 6.65
C ARG A 8 5.39 -3.03 5.41
N VAL A 9 5.05 -3.60 4.26
CA VAL A 9 5.04 -2.85 3.02
C VAL A 9 3.63 -2.69 2.46
N ALA A 10 2.86 -3.79 2.50
CA ALA A 10 1.49 -3.78 2.01
C ALA A 10 0.51 -3.47 3.14
N LEU A 11 0.84 -2.47 3.95
CA LEU A 11 -0.01 -2.08 5.07
C LEU A 11 0.61 -0.93 5.85
N PHE A 12 1.94 -0.89 5.89
CA PHE A 12 2.65 0.17 6.60
C PHE A 12 2.99 1.32 5.66
N GLY A 13 2.82 1.09 4.36
CA GLY A 13 3.12 2.12 3.38
C GLY A 13 1.87 2.64 2.70
N VAL A 14 0.78 1.89 2.80
CA VAL A 14 -0.49 2.29 2.19
C VAL A 14 -1.29 3.18 3.13
N LEU A 15 -1.75 2.58 4.23
CA LEU A 15 -2.54 3.32 5.22
C LEU A 15 -3.62 4.16 4.55
N GLY A 16 -4.11 3.68 3.41
CA GLY A 16 -5.14 4.39 2.68
C GLY A 16 -4.79 5.84 2.46
N ALA A 17 -3.50 6.14 2.37
CA ALA A 17 -3.03 7.50 2.16
C ALA A 17 -1.95 7.56 1.09
N ALA A 18 -0.75 7.12 1.44
CA ALA A 18 0.38 7.12 0.51
C ALA A 18 0.00 6.44 -0.80
N LEU A 19 -0.53 5.23 -0.70
CA LEU A 19 -0.93 4.47 -1.87
C LEU A 19 -1.92 5.26 -2.73
N ILE A 20 -2.67 6.14 -2.08
CA ILE A 20 -3.64 6.97 -2.79
C ILE A 20 -3.01 8.26 -3.29
N GLY A 21 -1.88 8.63 -2.69
CA GLY A 21 -1.18 9.84 -3.09
C GLY A 21 -0.16 9.59 -4.18
N ALA A 22 -0.28 8.45 -4.86
CA ALA A 22 0.65 8.09 -5.92
C ALA A 22 -0.10 7.82 -7.23
N ILE A 23 -0.75 6.66 -7.30
CA ILE A 23 -1.50 6.29 -8.49
C ILE A 23 -2.54 7.34 -8.84
N ALA A 24 -3.01 8.07 -7.83
CA ALA A 24 -4.01 9.11 -8.01
C ALA A 24 -5.27 8.55 -8.68
N PRO A 25 -6.06 7.80 -7.90
CA PRO A 25 -7.30 7.19 -8.39
C PRO A 25 -8.38 8.22 -8.66
N LYS A 26 -8.37 9.30 -7.89
CA LYS A 26 -9.35 10.37 -8.04
C LYS A 26 -8.82 11.69 -7.48
N LYS A 27 -7.49 11.80 -7.41
CA LYS A 27 -6.86 13.01 -6.90
C LYS A 27 -6.48 13.94 -8.04
N LYS A 1 9.09 -12.24 11.06
CA LYS A 1 9.70 -13.43 10.48
C LYS A 1 8.88 -13.96 9.31
N LYS A 2 9.29 -13.60 8.10
CA LYS A 2 8.59 -14.04 6.90
C LYS A 2 7.17 -13.49 6.87
N LEU A 3 6.51 -13.65 5.72
CA LEU A 3 5.14 -13.18 5.57
C LEU A 3 5.09 -11.65 5.44
N SER A 4 5.46 -10.97 6.52
CA SER A 4 5.47 -9.52 6.54
C SER A 4 6.34 -8.97 5.41
N ILE A 5 7.25 -9.78 4.92
CA ILE A 5 8.16 -9.38 3.85
C ILE A 5 7.36 -8.92 2.63
N TYR A 6 6.15 -9.43 2.47
CA TYR A 6 5.29 -9.06 1.35
C TYR A 6 3.99 -8.44 1.84
N GLU A 7 3.93 -8.14 3.13
CA GLU A 7 2.74 -7.55 3.72
C GLU A 7 3.03 -6.13 4.20
N ARG A 8 4.26 -5.90 4.65
CA ARG A 8 4.67 -4.59 5.14
C ARG A 8 5.32 -3.76 4.03
N VAL A 9 5.77 -4.44 2.99
CA VAL A 9 6.41 -3.77 1.86
C VAL A 9 5.55 -3.89 0.59
N ALA A 10 4.91 -5.04 0.43
CA ALA A 10 4.06 -5.28 -0.73
C ALA A 10 2.58 -5.12 -0.37
N LEU A 11 2.26 -4.06 0.36
CA LEU A 11 0.89 -3.79 0.77
C LEU A 11 0.81 -2.50 1.59
N PHE A 12 1.86 -2.21 2.33
CA PHE A 12 1.91 -1.01 3.16
C PHE A 12 2.40 0.19 2.35
N GLY A 13 2.98 -0.08 1.19
CA GLY A 13 3.48 0.98 0.34
C GLY A 13 3.08 0.80 -1.12
N VAL A 14 2.30 -0.25 -1.39
CA VAL A 14 1.85 -0.53 -2.74
C VAL A 14 0.41 -0.04 -2.95
N LEU A 15 -0.33 0.08 -1.87
CA LEU A 15 -1.72 0.54 -1.94
C LEU A 15 -1.78 2.05 -2.00
N GLY A 16 -0.62 2.68 -1.98
CA GLY A 16 -0.56 4.14 -2.04
C GLY A 16 -1.29 4.70 -3.25
N ALA A 17 -1.51 3.86 -4.26
CA ALA A 17 -2.20 4.28 -5.47
C ALA A 17 -3.52 3.54 -5.63
N ALA A 18 -3.83 2.67 -4.67
CA ALA A 18 -5.07 1.90 -4.70
C ALA A 18 -6.14 2.56 -3.84
N LEU A 19 -5.74 3.06 -2.69
CA LEU A 19 -6.67 3.73 -1.78
C LEU A 19 -6.61 5.24 -1.95
N ILE A 20 -5.49 5.73 -2.45
CA ILE A 20 -5.31 7.16 -2.67
C ILE A 20 -5.13 7.47 -4.15
N GLY A 21 -4.76 6.46 -4.93
CA GLY A 21 -4.56 6.65 -6.35
C GLY A 21 -5.81 6.35 -7.16
N ALA A 22 -6.97 6.49 -6.51
CA ALA A 22 -8.23 6.23 -7.18
C ALA A 22 -9.33 7.17 -6.68
N ILE A 23 -9.57 7.14 -5.37
CA ILE A 23 -10.59 7.99 -4.76
C ILE A 23 -10.34 9.46 -5.08
N ALA A 24 -9.07 9.81 -5.26
CA ALA A 24 -8.69 11.18 -5.58
C ALA A 24 -9.05 12.13 -4.44
N PRO A 25 -8.26 12.07 -3.36
CA PRO A 25 -8.47 12.91 -2.17
C PRO A 25 -8.16 14.39 -2.45
N LYS A 26 -7.17 14.63 -3.30
CA LYS A 26 -6.78 15.98 -3.65
C LYS A 26 -5.63 15.98 -4.65
N LYS A 27 -4.76 14.98 -4.54
CA LYS A 27 -3.61 14.86 -5.43
C LYS A 27 -4.04 15.00 -6.89
N LYS A 1 13.77 -15.63 7.25
CA LYS A 1 12.50 -15.76 7.94
C LYS A 1 11.48 -14.78 7.38
N LYS A 2 10.92 -15.09 6.22
CA LYS A 2 9.93 -14.22 5.59
C LYS A 2 8.59 -14.32 6.30
N LEU A 3 8.20 -13.25 6.98
CA LEU A 3 6.94 -13.22 7.70
C LEU A 3 6.62 -11.80 8.17
N SER A 4 5.45 -11.29 7.77
CA SER A 4 5.02 -9.95 8.15
C SER A 4 5.86 -8.90 7.42
N ILE A 5 6.75 -9.35 6.55
CA ILE A 5 7.61 -8.45 5.80
C ILE A 5 7.17 -8.37 4.34
N TYR A 6 6.12 -9.11 4.01
CA TYR A 6 5.60 -9.12 2.65
C TYR A 6 4.18 -8.56 2.59
N GLU A 7 3.48 -8.64 3.72
CA GLU A 7 2.12 -8.14 3.81
C GLU A 7 2.09 -6.68 4.23
N ARG A 8 3.14 -6.25 4.94
CA ARG A 8 3.23 -4.87 5.40
C ARG A 8 3.92 -4.00 4.35
N VAL A 9 4.54 -4.64 3.37
CA VAL A 9 5.24 -3.92 2.31
C VAL A 9 4.54 -4.12 0.97
N ALA A 10 4.26 -5.38 0.64
CA ALA A 10 3.61 -5.70 -0.62
C ALA A 10 2.09 -5.72 -0.45
N LEU A 11 1.56 -4.68 0.19
CA LEU A 11 0.12 -4.56 0.42
C LEU A 11 -0.21 -3.29 1.19
N PHE A 12 0.71 -2.88 2.06
CA PHE A 12 0.51 -1.67 2.87
C PHE A 12 1.14 -0.46 2.18
N GLY A 13 1.92 -0.72 1.15
CA GLY A 13 2.56 0.37 0.42
C GLY A 13 2.39 0.24 -1.08
N VAL A 14 1.68 -0.79 -1.51
CA VAL A 14 1.44 -1.03 -2.93
C VAL A 14 0.16 -0.35 -3.39
N LEU A 15 -0.75 -0.12 -2.45
CA LEU A 15 -2.03 0.52 -2.75
C LEU A 15 -1.88 2.04 -2.81
N GLY A 16 -0.65 2.51 -2.60
CA GLY A 16 -0.40 3.94 -2.65
C GLY A 16 -0.84 4.57 -3.95
N ALA A 17 -1.00 3.75 -4.97
CA ALA A 17 -1.42 4.24 -6.29
C ALA A 17 -2.82 3.74 -6.63
N ALA A 18 -3.34 2.85 -5.81
CA ALA A 18 -4.67 2.29 -6.03
C ALA A 18 -5.72 3.03 -5.21
N LEU A 19 -5.40 3.30 -3.94
CA LEU A 19 -6.31 4.00 -3.05
C LEU A 19 -6.25 5.50 -3.29
N ILE A 20 -5.15 5.96 -3.89
CA ILE A 20 -4.96 7.38 -4.16
C ILE A 20 -5.98 7.88 -5.18
N GLY A 21 -6.45 6.98 -6.03
CA GLY A 21 -7.42 7.34 -7.05
C GLY A 21 -8.85 7.19 -6.55
N ALA A 22 -9.02 7.12 -5.24
CA ALA A 22 -10.34 6.97 -4.64
C ALA A 22 -10.47 7.82 -3.38
N ILE A 23 -9.64 7.52 -2.39
CA ILE A 23 -9.66 8.25 -1.12
C ILE A 23 -9.55 9.76 -1.36
N ALA A 24 -8.90 10.13 -2.46
CA ALA A 24 -8.73 11.54 -2.80
C ALA A 24 -7.94 12.28 -1.72
N PRO A 25 -6.61 12.08 -1.72
CA PRO A 25 -5.72 12.71 -0.76
C PRO A 25 -5.59 14.21 -0.98
N LYS A 26 -5.66 14.63 -2.23
CA LYS A 26 -5.55 16.04 -2.58
C LYS A 26 -5.67 16.23 -4.09
N LYS A 27 -5.18 15.27 -4.86
CA LYS A 27 -5.23 15.33 -6.31
C LYS A 27 -6.63 15.68 -6.79
N LYS A 1 15.71 -12.30 7.67
CA LYS A 1 14.36 -12.81 7.93
C LYS A 1 13.31 -11.89 7.34
N LYS A 2 13.03 -12.06 6.04
CA LYS A 2 12.04 -11.25 5.36
C LYS A 2 10.86 -12.10 4.91
N LEU A 3 9.76 -12.04 5.64
CA LEU A 3 8.56 -12.80 5.31
C LEU A 3 7.31 -11.93 5.39
N SER A 4 6.89 -11.64 6.62
CA SER A 4 5.70 -10.82 6.84
C SER A 4 5.84 -9.49 6.13
N ILE A 5 7.06 -9.00 6.03
CA ILE A 5 7.33 -7.72 5.37
C ILE A 5 6.73 -7.69 3.97
N TYR A 6 6.64 -8.85 3.34
CA TYR A 6 6.08 -8.96 2.00
C TYR A 6 4.71 -9.63 2.03
N GLU A 7 4.36 -10.19 3.18
CA GLU A 7 3.07 -10.87 3.34
C GLU A 7 1.99 -9.88 3.76
N ARG A 8 2.40 -8.82 4.44
CA ARG A 8 1.46 -7.80 4.90
C ARG A 8 1.22 -6.76 3.82
N VAL A 9 2.27 -6.35 3.13
CA VAL A 9 2.17 -5.37 2.07
C VAL A 9 1.16 -5.80 1.01
N ALA A 10 0.90 -7.10 0.94
CA ALA A 10 -0.04 -7.64 -0.02
C ALA A 10 -1.47 -7.21 0.31
N LEU A 11 -1.64 -6.60 1.47
CA LEU A 11 -2.95 -6.13 1.90
C LEU A 11 -2.88 -4.71 2.45
N PHE A 12 -1.75 -4.38 3.09
CA PHE A 12 -1.55 -3.06 3.66
C PHE A 12 -0.95 -2.10 2.63
N GLY A 13 -0.37 -2.68 1.57
CA GLY A 13 0.24 -1.86 0.53
C GLY A 13 -0.40 -2.10 -0.83
N VAL A 14 -1.09 -3.22 -0.96
CA VAL A 14 -1.74 -3.57 -2.22
C VAL A 14 -2.83 -2.55 -2.58
N LEU A 15 -3.34 -1.87 -1.57
CA LEU A 15 -4.39 -0.87 -1.77
C LEU A 15 -3.79 0.54 -1.78
N GLY A 16 -2.49 0.62 -1.58
CA GLY A 16 -1.82 1.92 -1.57
C GLY A 16 -2.08 2.71 -2.84
N ALA A 17 -2.50 2.02 -3.89
CA ALA A 17 -2.77 2.67 -5.16
C ALA A 17 -4.28 2.76 -5.42
N ALA A 18 -5.04 2.03 -4.61
CA ALA A 18 -6.50 2.02 -4.75
C ALA A 18 -7.13 3.15 -3.93
N LEU A 19 -6.64 3.34 -2.72
CA LEU A 19 -7.16 4.39 -1.84
C LEU A 19 -6.49 5.72 -2.14
N ILE A 20 -5.29 5.67 -2.73
CA ILE A 20 -4.55 6.88 -3.07
C ILE A 20 -4.70 7.21 -4.55
N GLY A 21 -5.10 6.23 -5.35
CA GLY A 21 -5.26 6.43 -6.77
C GLY A 21 -6.68 6.85 -7.13
N ALA A 22 -7.43 7.33 -6.14
CA ALA A 22 -8.80 7.75 -6.36
C ALA A 22 -9.04 9.15 -5.78
N ILE A 23 -8.99 9.26 -4.46
CA ILE A 23 -9.19 10.53 -3.79
C ILE A 23 -8.20 11.58 -4.29
N ALA A 24 -7.04 11.13 -4.73
CA ALA A 24 -6.01 12.03 -5.23
C ALA A 24 -5.61 13.05 -4.18
N PRO A 25 -4.91 12.60 -3.14
CA PRO A 25 -4.46 13.46 -2.04
C PRO A 25 -3.36 14.42 -2.49
N LYS A 26 -2.70 14.10 -3.60
CA LYS A 26 -1.63 14.93 -4.12
C LYS A 26 -1.45 14.70 -5.62
N LYS A 27 -2.49 14.20 -6.26
CA LYS A 27 -2.44 13.93 -7.70
C LYS A 27 -3.01 15.11 -8.50
N LYS A 1 14.28 -15.41 5.70
CA LYS A 1 13.17 -15.18 6.63
C LYS A 1 12.22 -14.11 6.09
N LYS A 2 10.94 -14.46 6.01
CA LYS A 2 9.93 -13.53 5.52
C LYS A 2 8.61 -13.74 6.24
N LEU A 3 8.22 -12.75 7.05
CA LEU A 3 6.97 -12.81 7.80
C LEU A 3 6.65 -11.48 8.45
N SER A 4 5.47 -10.94 8.14
CA SER A 4 5.05 -9.65 8.70
C SER A 4 5.84 -8.51 8.07
N ILE A 5 6.74 -8.84 7.16
CA ILE A 5 7.55 -7.84 6.47
C ILE A 5 7.34 -7.89 4.97
N TYR A 6 6.51 -8.82 4.52
CA TYR A 6 6.22 -8.97 3.10
C TYR A 6 4.80 -8.50 2.78
N GLU A 7 3.93 -8.56 3.78
CA GLU A 7 2.54 -8.14 3.60
C GLU A 7 2.36 -6.68 3.98
N ARG A 8 3.28 -6.16 4.79
CA ARG A 8 3.22 -4.77 5.22
C ARG A 8 3.94 -3.86 4.23
N VAL A 9 4.72 -4.47 3.33
CA VAL A 9 5.46 -3.71 2.33
C VAL A 9 4.91 -3.97 0.94
N ALA A 10 4.80 -5.24 0.56
CA ALA A 10 4.28 -5.61 -0.74
C ALA A 10 2.76 -5.77 -0.71
N LEU A 11 2.08 -4.78 -0.14
CA LEU A 11 0.63 -4.81 -0.04
C LEU A 11 0.11 -3.57 0.67
N PHE A 12 0.89 -3.06 1.61
CA PHE A 12 0.51 -1.87 2.37
C PHE A 12 1.05 -0.60 1.70
N GLY A 13 1.92 -0.79 0.71
CA GLY A 13 2.49 0.34 0.00
C GLY A 13 2.41 0.18 -1.50
N VAL A 14 1.85 -0.93 -1.94
CA VAL A 14 1.71 -1.20 -3.38
C VAL A 14 0.39 -0.65 -3.91
N LEU A 15 -0.56 -0.40 -3.02
CA LEU A 15 -1.86 0.13 -3.41
C LEU A 15 -1.92 1.63 -3.14
N GLY A 16 -0.84 2.19 -2.63
CA GLY A 16 -0.81 3.61 -2.34
C GLY A 16 -1.09 4.47 -3.56
N ALA A 17 -0.98 3.86 -4.74
CA ALA A 17 -1.23 4.57 -5.99
C ALA A 17 -2.51 4.08 -6.64
N ALA A 18 -3.07 2.99 -6.11
CA ALA A 18 -4.30 2.43 -6.65
C ALA A 18 -5.52 2.98 -5.93
N LEU A 19 -5.44 3.04 -4.61
CA LEU A 19 -6.54 3.55 -3.80
C LEU A 19 -6.56 5.08 -3.80
N ILE A 20 -5.41 5.68 -4.07
CA ILE A 20 -5.29 7.14 -4.11
C ILE A 20 -6.23 7.73 -5.15
N GLY A 21 -6.60 6.92 -6.15
CA GLY A 21 -7.49 7.39 -7.19
C GLY A 21 -8.95 7.29 -6.80
N ALA A 22 -9.20 6.93 -5.54
CA ALA A 22 -10.56 6.81 -5.04
C ALA A 22 -10.87 7.89 -4.01
N ILE A 23 -10.33 7.74 -2.81
CA ILE A 23 -10.55 8.71 -1.74
C ILE A 23 -9.94 10.06 -2.10
N ALA A 24 -8.93 10.04 -2.96
CA ALA A 24 -8.27 11.27 -3.39
C ALA A 24 -7.82 12.09 -2.19
N PRO A 25 -6.74 11.61 -1.52
CA PRO A 25 -6.18 12.30 -0.35
C PRO A 25 -5.50 13.61 -0.71
N LYS A 26 -5.16 13.76 -1.99
CA LYS A 26 -4.49 14.96 -2.47
C LYS A 26 -4.72 15.15 -3.96
N LYS A 27 -5.78 14.55 -4.47
CA LYS A 27 -6.11 14.66 -5.89
C LYS A 27 -7.13 15.78 -6.13
N LYS A 1 11.44 -17.93 4.57
CA LYS A 1 10.02 -17.66 4.78
C LYS A 1 9.67 -16.23 4.37
N LYS A 2 8.38 -15.95 4.28
CA LYS A 2 7.91 -14.62 3.89
C LYS A 2 6.54 -14.34 4.49
N LEU A 3 6.49 -13.43 5.45
CA LEU A 3 5.24 -13.07 6.11
C LEU A 3 5.41 -11.80 6.95
N SER A 4 4.53 -10.84 6.72
CA SER A 4 4.58 -9.57 7.46
C SER A 4 5.72 -8.70 6.95
N ILE A 5 6.50 -9.24 6.03
CA ILE A 5 7.62 -8.50 5.46
C ILE A 5 7.32 -8.07 4.03
N TYR A 6 6.11 -8.33 3.57
CA TYR A 6 5.70 -7.97 2.22
C TYR A 6 4.56 -6.95 2.25
N GLU A 7 3.78 -6.98 3.33
CA GLU A 7 2.66 -6.05 3.48
C GLU A 7 3.09 -4.81 4.26
N ARG A 8 4.13 -4.94 5.05
CA ARG A 8 4.64 -3.83 5.86
C ARG A 8 5.72 -3.07 5.09
N VAL A 9 6.10 -3.59 3.94
CA VAL A 9 7.13 -2.96 3.11
C VAL A 9 6.58 -2.58 1.74
N ALA A 10 5.93 -3.55 1.08
CA ALA A 10 5.36 -3.32 -0.23
C ALA A 10 3.87 -3.01 -0.13
N LEU A 11 3.52 -2.13 0.81
CA LEU A 11 2.13 -1.74 1.00
C LEU A 11 2.02 -0.61 2.03
N PHE A 12 2.88 -0.66 3.04
CA PHE A 12 2.89 0.36 4.08
C PHE A 12 3.70 1.57 3.66
N GLY A 13 4.45 1.43 2.57
CA GLY A 13 5.26 2.52 2.07
C GLY A 13 5.18 2.68 0.57
N VAL A 14 4.30 1.90 -0.06
CA VAL A 14 4.12 1.95 -1.51
C VAL A 14 2.82 2.67 -1.88
N LEU A 15 1.86 2.64 -0.96
CA LEU A 15 0.58 3.29 -1.19
C LEU A 15 0.67 4.79 -0.90
N GLY A 16 1.85 5.24 -0.51
CA GLY A 16 2.04 6.65 -0.20
C GLY A 16 1.61 7.55 -1.34
N ALA A 17 1.56 7.00 -2.55
CA ALA A 17 1.16 7.76 -3.72
C ALA A 17 -0.26 7.41 -4.15
N ALA A 18 -0.78 6.31 -3.61
CA ALA A 18 -2.13 5.86 -3.94
C ALA A 18 -3.16 6.54 -3.05
N LEU A 19 -2.86 6.63 -1.76
CA LEU A 19 -3.76 7.26 -0.80
C LEU A 19 -3.58 8.77 -0.78
N ILE A 20 -2.41 9.21 -1.21
CA ILE A 20 -2.10 10.65 -1.26
C ILE A 20 -2.23 11.20 -2.67
N GLY A 21 -2.23 10.29 -3.65
CA GLY A 21 -2.34 10.71 -5.04
C GLY A 21 -3.61 11.50 -5.30
N ALA A 22 -4.59 11.35 -4.42
CA ALA A 22 -5.86 12.06 -4.56
C ALA A 22 -6.79 11.75 -3.40
N ILE A 23 -6.27 11.86 -2.19
CA ILE A 23 -7.05 11.60 -0.98
C ILE A 23 -7.74 10.24 -1.07
N ALA A 24 -6.99 9.23 -1.47
CA ALA A 24 -7.53 7.87 -1.58
C ALA A 24 -8.80 7.87 -2.42
N PRO A 25 -8.65 8.02 -3.75
CA PRO A 25 -9.78 8.03 -4.68
C PRO A 25 -10.43 6.66 -4.82
N LYS A 26 -9.60 5.64 -5.03
CA LYS A 26 -10.09 4.28 -5.18
C LYS A 26 -9.00 3.26 -4.84
N LYS A 27 -8.03 3.69 -4.05
CA LYS A 27 -6.93 2.82 -3.66
C LYS A 27 -7.17 2.24 -2.27
#